data_1VFW
#
_entry.id   1VFW
#
_cell.length_a   42.640
_cell.length_b   55.480
_cell.length_c   156.710
_cell.angle_alpha   90.00
_cell.angle_beta   90.00
_cell.angle_gamma   90.00
#
_symmetry.space_group_name_H-M   'P 21 21 21'
#
loop_
_entity.id
_entity.type
_entity.pdbx_description
1 polymer 'PROTEIN (Fusion protein consisting of Kinesin-like protein KIF1A, Kinesin heavy chain isoform 5C and A HIS TAG'
2 non-polymer 'MAGNESIUM ION'
3 non-polymer 'PHOSPHOAMINOPHOSPHONIC ACID-ADENYLATE ESTER'
4 water water
#
_entity_poly.entity_id   1
_entity_poly.type   'polypeptide(L)'
_entity_poly.pdbx_seq_one_letter_code
;MAGASVKVAVRVRPFNSREMSRDSKCIIQMSGSTTTIVNPKQPKETPKSFSFDYSYWSHTSPEDINYASQKQVYRDIGEE
MLQHAFEGYNVCIFAYGQTGAGKSYTMMGKQEKDQQGIIPQLCEDLFSRINDTTNDNMSYSVEVSYMEIYCERVRDLLNP
KNKGNLRVREHPLLGPYVEDLSKLAVTSYNDIQDLMDSGNKPRTVAATNMNETSSRSHAVFNIIFTQKRHDAETNITTEK
VSKISLVDLAGSERADSTGAKGTRLKEGANINKSLTTLGKVISALAEMDSGPNKNKKKKKTDFIPYRDSVLTWLLRENLG
GNSRTAMVAALSPADINYDETLSTLRYADRAKQIRNTVSVNHHHHH
;
_entity_poly.pdbx_strand_id   A
#
# COMPACT_ATOMS: atom_id res chain seq x y z
N ALA A 4 9.91 -0.51 15.60
CA ALA A 4 8.91 0.31 14.83
C ALA A 4 7.66 -0.54 14.51
N SER A 5 6.56 -0.24 15.20
CA SER A 5 5.31 -0.96 15.00
C SER A 5 4.67 -0.55 13.69
N VAL A 6 3.90 -1.45 13.10
CA VAL A 6 3.21 -1.15 11.85
C VAL A 6 2.06 -0.17 12.11
N LYS A 7 2.07 0.97 11.43
CA LYS A 7 1.01 1.96 11.57
C LYS A 7 -0.18 1.46 10.75
N VAL A 8 -1.40 1.68 11.23
CA VAL A 8 -2.60 1.23 10.53
C VAL A 8 -3.69 2.28 10.41
N ALA A 9 -4.19 2.47 9.20
CA ALA A 9 -5.26 3.42 8.93
C ALA A 9 -6.45 2.68 8.35
N VAL A 10 -7.65 3.20 8.59
CA VAL A 10 -8.86 2.61 8.04
C VAL A 10 -9.55 3.76 7.36
N ARG A 11 -10.19 3.49 6.24
CA ARG A 11 -10.87 4.52 5.50
C ARG A 11 -12.19 3.99 5.00
N VAL A 12 -13.26 4.72 5.27
CA VAL A 12 -14.59 4.31 4.84
C VAL A 12 -15.00 5.18 3.66
N ARG A 13 -15.40 4.54 2.58
CA ARG A 13 -15.83 5.23 1.36
C ARG A 13 -17.33 5.50 1.37
N PRO A 14 -17.84 6.11 0.29
CA PRO A 14 -19.26 6.41 0.15
C PRO A 14 -19.95 5.11 -0.32
N PHE A 15 -21.28 5.09 -0.28
CA PHE A 15 -22.01 3.91 -0.75
C PHE A 15 -21.71 3.72 -2.24
N ASN A 16 -21.79 2.48 -2.73
CA ASN A 16 -21.58 2.20 -4.15
C ASN A 16 -22.96 1.86 -4.72
N SER A 17 -23.05 1.66 -6.03
CA SER A 17 -24.34 1.36 -6.66
C SER A 17 -25.03 0.13 -6.09
N ARG A 18 -24.26 -0.90 -5.78
CA ARG A 18 -24.82 -2.15 -5.25
C ARG A 18 -25.49 -1.93 -3.91
N GLU A 19 -24.87 -1.07 -3.11
CA GLU A 19 -25.37 -0.75 -1.78
C GLU A 19 -26.59 0.15 -1.80
N MET A 20 -26.53 1.22 -2.59
CA MET A 20 -27.68 2.10 -2.62
C MET A 20 -28.91 1.34 -3.10
N SER A 21 -28.71 0.46 -4.09
CA SER A 21 -29.80 -0.34 -4.65
C SER A 21 -30.43 -1.27 -3.61
N ARG A 22 -29.70 -1.54 -2.54
CA ARG A 22 -30.22 -2.41 -1.48
C ARG A 22 -30.61 -1.58 -0.28
N ASP A 23 -30.69 -0.27 -0.48
CA ASP A 23 -31.04 0.62 0.61
C ASP A 23 -30.18 0.33 1.83
N SER A 24 -28.87 0.19 1.62
CA SER A 24 -27.97 -0.12 2.72
C SER A 24 -27.88 1.02 3.69
N LYS A 25 -27.70 0.68 4.96
CA LYS A 25 -27.57 1.68 6.01
C LYS A 25 -26.09 1.68 6.35
N CYS A 26 -25.58 2.77 6.92
CA CYS A 26 -24.16 2.84 7.30
C CYS A 26 -23.94 2.23 8.67
N ILE A 27 -23.14 1.18 8.74
CA ILE A 27 -22.88 0.53 10.01
C ILE A 27 -21.51 0.87 10.55
N ILE A 28 -20.88 1.86 9.93
CA ILE A 28 -19.57 2.29 10.36
C ILE A 28 -19.67 3.69 10.95
N GLN A 29 -19.05 3.86 12.11
CA GLN A 29 -19.05 5.12 12.85
C GLN A 29 -17.62 5.47 13.29
N MET A 30 -17.21 6.71 13.04
CA MET A 30 -15.88 7.13 13.42
C MET A 30 -15.86 8.36 14.36
N SER A 31 -15.03 8.25 15.39
CA SER A 31 -14.88 9.30 16.39
C SER A 31 -13.44 9.30 16.91
N GLY A 32 -12.69 10.33 16.54
CA GLY A 32 -11.30 10.41 16.98
C GLY A 32 -10.50 9.37 16.24
N SER A 33 -9.90 8.42 16.96
CA SER A 33 -9.11 7.34 16.37
C SER A 33 -9.88 6.03 16.47
N THR A 34 -11.11 6.12 16.96
CA THR A 34 -11.97 4.95 17.11
C THR A 34 -12.93 4.68 15.95
N THR A 35 -13.09 3.40 15.65
CA THR A 35 -14.00 2.99 14.58
C THR A 35 -14.98 1.99 15.20
N THR A 36 -16.28 2.27 15.11
CA THR A 36 -17.26 1.35 15.66
C THR A 36 -18.10 0.80 14.51
N ILE A 37 -18.36 -0.50 14.55
CA ILE A 37 -19.15 -1.12 13.51
C ILE A 37 -20.36 -1.74 14.17
N VAL A 38 -21.52 -1.55 13.55
CA VAL A 38 -22.78 -2.07 14.07
C VAL A 38 -23.14 -3.35 13.34
N ASN A 39 -23.80 -4.25 14.04
CA ASN A 39 -24.22 -5.51 13.45
C ASN A 39 -25.69 -5.33 13.05
N PRO A 40 -25.96 -5.17 11.74
CA PRO A 40 -27.34 -4.99 11.27
C PRO A 40 -28.21 -6.24 11.42
N LYS A 41 -27.56 -7.36 11.74
CA LYS A 41 -28.24 -8.64 11.94
C LYS A 41 -28.67 -8.79 13.38
N GLN A 42 -27.86 -8.23 14.28
CA GLN A 42 -28.11 -8.30 15.71
C GLN A 42 -27.98 -6.89 16.25
N PRO A 43 -28.96 -6.02 15.92
CA PRO A 43 -28.99 -4.63 16.34
C PRO A 43 -28.76 -4.38 17.82
N LYS A 44 -29.29 -5.26 18.67
CA LYS A 44 -29.18 -5.10 20.11
C LYS A 44 -27.89 -5.64 20.73
N GLU A 45 -27.06 -6.28 19.91
CA GLU A 45 -25.78 -6.80 20.38
C GLU A 45 -24.91 -5.54 20.55
N THR A 46 -23.93 -5.58 21.43
CA THR A 46 -23.10 -4.39 21.62
C THR A 46 -22.16 -4.18 20.44
N PRO A 47 -22.13 -2.94 19.90
CA PRO A 47 -21.27 -2.59 18.76
C PRO A 47 -19.77 -2.79 19.02
N LYS A 48 -19.05 -3.16 17.96
CA LYS A 48 -17.61 -3.42 18.05
C LYS A 48 -16.71 -2.24 17.63
N SER A 49 -15.94 -1.75 18.58
CA SER A 49 -15.04 -0.62 18.35
C SER A 49 -13.58 -1.05 18.21
N PHE A 50 -12.86 -0.32 17.38
CA PHE A 50 -11.46 -0.60 17.15
C PHE A 50 -10.65 0.69 17.21
N SER A 51 -9.43 0.60 17.75
CA SER A 51 -8.54 1.75 17.86
C SER A 51 -7.46 1.70 16.78
N PHE A 52 -7.31 2.79 16.04
CA PHE A 52 -6.33 2.87 14.96
C PHE A 52 -5.57 4.18 14.92
N ASP A 53 -4.38 4.11 14.34
CA ASP A 53 -3.49 5.27 14.22
C ASP A 53 -4.14 6.37 13.37
N TYR A 54 -4.90 5.97 12.36
CA TYR A 54 -5.58 6.92 11.47
C TYR A 54 -6.98 6.44 11.14
N SER A 55 -7.97 7.32 11.25
CA SER A 55 -9.35 6.95 10.94
C SER A 55 -9.85 7.91 9.89
N TYR A 56 -10.03 7.41 8.67
CA TYR A 56 -10.48 8.29 7.60
C TYR A 56 -11.94 8.13 7.23
N TRP A 57 -12.71 9.15 7.59
CA TRP A 57 -14.12 9.22 7.32
C TRP A 57 -14.31 9.86 5.93
N SER A 58 -14.54 9.01 4.94
CA SER A 58 -14.71 9.46 3.57
C SER A 58 -16.03 8.99 2.98
N HIS A 59 -17.02 8.81 3.85
CA HIS A 59 -18.34 8.33 3.45
C HIS A 59 -19.20 9.37 2.74
N THR A 60 -18.99 10.63 3.08
CA THR A 60 -19.77 11.73 2.49
C THR A 60 -19.09 12.37 1.27
N SER A 61 -18.85 13.66 1.37
CA SER A 61 -18.19 14.37 0.28
C SER A 61 -17.29 15.44 0.89
N PRO A 62 -16.44 16.06 0.05
CA PRO A 62 -15.51 17.11 0.46
C PRO A 62 -16.20 18.38 0.95
N GLU A 63 -17.50 18.48 0.70
CA GLU A 63 -18.28 19.62 1.14
C GLU A 63 -18.56 19.47 2.62
N ASP A 64 -18.16 18.32 3.16
CA ASP A 64 -18.36 17.99 4.56
C ASP A 64 -17.09 18.36 5.33
N ILE A 65 -17.24 19.09 6.42
CA ILE A 65 -16.09 19.50 7.22
C ILE A 65 -15.30 18.32 7.76
N ASN A 66 -15.98 17.23 8.08
CA ASN A 66 -15.30 16.05 8.63
C ASN A 66 -14.86 15.02 7.60
N TYR A 67 -14.91 15.38 6.33
CA TYR A 67 -14.52 14.46 5.27
C TYR A 67 -12.99 14.41 5.10
N ALA A 68 -12.48 13.23 4.79
CA ALA A 68 -11.06 13.01 4.60
C ALA A 68 -10.80 12.89 3.11
N SER A 69 -10.07 13.85 2.56
CA SER A 69 -9.79 13.84 1.13
C SER A 69 -8.53 13.07 0.77
N GLN A 70 -8.35 12.89 -0.53
CA GLN A 70 -7.17 12.21 -1.03
C GLN A 70 -5.98 12.97 -0.47
N LYS A 71 -5.99 14.28 -0.68
CA LYS A 71 -4.91 15.13 -0.25
C LYS A 71 -4.66 14.97 1.26
N GLN A 72 -5.72 15.01 2.04
CA GLN A 72 -5.56 14.88 3.50
C GLN A 72 -5.05 13.51 3.93
N VAL A 73 -5.48 12.45 3.24
CA VAL A 73 -5.00 11.12 3.58
C VAL A 73 -3.50 11.09 3.30
N TYR A 74 -3.13 11.60 2.12
CA TYR A 74 -1.72 11.61 1.73
C TYR A 74 -0.89 12.43 2.72
N ARG A 75 -1.26 13.70 2.87
CA ARG A 75 -0.56 14.61 3.77
C ARG A 75 -0.40 14.09 5.19
N ASP A 76 -1.05 12.99 5.51
CA ASP A 76 -0.97 12.44 6.86
C ASP A 76 -0.02 11.26 6.93
N ILE A 77 -0.48 10.11 6.47
CA ILE A 77 0.35 8.92 6.49
C ILE A 77 1.31 8.95 5.30
N GLY A 78 0.89 9.64 4.23
CA GLY A 78 1.73 9.73 3.04
C GLY A 78 3.04 10.48 3.22
N GLU A 79 2.99 11.68 3.83
CA GLU A 79 4.21 12.46 4.06
C GLU A 79 5.04 11.83 5.17
N GLU A 80 4.35 11.16 6.08
CA GLU A 80 4.97 10.50 7.22
C GLU A 80 5.92 9.40 6.76
N MET A 81 5.49 8.62 5.77
CA MET A 81 6.29 7.53 5.24
C MET A 81 7.35 8.05 4.29
N LEU A 82 7.02 9.11 3.55
CA LEU A 82 7.96 9.71 2.62
C LEU A 82 9.15 10.29 3.39
N GLN A 83 8.88 10.78 4.60
CA GLN A 83 9.90 11.37 5.46
C GLN A 83 10.83 10.30 6.03
N HIS A 84 10.32 9.09 6.23
CA HIS A 84 11.15 8.00 6.74
C HIS A 84 12.09 7.62 5.61
N ALA A 85 11.52 7.61 4.42
CA ALA A 85 12.27 7.32 3.22
C ALA A 85 13.45 8.29 3.16
N PHE A 86 13.16 9.57 3.38
CA PHE A 86 14.19 10.60 3.36
C PHE A 86 15.17 10.39 4.50
N GLU A 87 14.69 9.82 5.60
CA GLU A 87 15.55 9.51 6.76
C GLU A 87 16.46 8.33 6.41
N GLY A 88 16.12 7.60 5.35
CA GLY A 88 16.95 6.48 4.97
C GLY A 88 16.36 5.12 5.27
N TYR A 89 15.11 5.09 5.68
CA TYR A 89 14.50 3.81 5.99
C TYR A 89 13.79 3.23 4.76
N ASN A 90 13.69 1.90 4.70
CA ASN A 90 12.92 1.27 3.70
C ASN A 90 11.50 1.52 4.10
N VAL A 91 10.60 1.85 3.19
CA VAL A 91 9.22 2.11 3.58
C VAL A 91 8.21 1.30 2.77
N CYS A 92 7.04 1.13 3.36
CA CYS A 92 5.99 0.37 2.71
C CYS A 92 4.58 0.76 3.16
N ILE A 93 3.72 1.00 2.18
CA ILE A 93 2.35 1.35 2.45
C ILE A 93 1.53 0.42 1.57
N PHE A 94 0.68 -0.40 2.18
CA PHE A 94 -0.14 -1.31 1.39
C PHE A 94 -1.62 -1.19 1.78
N ALA A 95 -2.49 -1.16 0.78
CA ALA A 95 -3.92 -1.07 0.98
C ALA A 95 -4.51 -2.48 0.97
N TYR A 96 -5.34 -2.77 1.98
CA TYR A 96 -5.95 -4.08 2.16
C TYR A 96 -7.45 -3.92 2.44
N GLY A 97 -8.24 -4.92 2.06
CA GLY A 97 -9.68 -4.82 2.27
C GLY A 97 -10.55 -5.51 1.23
N GLN A 98 -11.83 -5.60 1.55
CA GLN A 98 -12.82 -6.23 0.70
C GLN A 98 -12.86 -5.68 -0.72
N THR A 99 -13.21 -6.56 -1.65
CA THR A 99 -13.33 -6.22 -3.06
C THR A 99 -14.27 -5.04 -3.21
N GLY A 100 -13.75 -3.93 -3.73
CA GLY A 100 -14.57 -2.74 -3.91
C GLY A 100 -14.60 -1.80 -2.72
N ALA A 101 -13.80 -2.09 -1.69
CA ALA A 101 -13.75 -1.25 -0.49
C ALA A 101 -13.11 0.10 -0.72
N GLY A 102 -12.27 0.19 -1.74
CA GLY A 102 -11.60 1.45 -2.03
C GLY A 102 -10.08 1.42 -1.96
N LYS A 103 -9.49 0.25 -2.17
CA LYS A 103 -8.04 0.14 -2.10
C LYS A 103 -7.33 0.94 -3.19
N SER A 104 -7.78 0.78 -4.42
CA SER A 104 -7.14 1.48 -5.52
C SER A 104 -7.39 2.97 -5.53
N TYR A 105 -8.57 3.37 -5.07
CA TYR A 105 -8.89 4.79 -5.05
C TYR A 105 -7.91 5.43 -4.10
N THR A 106 -7.65 4.75 -3.00
CA THR A 106 -6.72 5.28 -2.01
C THR A 106 -5.28 5.32 -2.54
N MET A 107 -4.81 4.23 -3.13
CA MET A 107 -3.43 4.17 -3.64
C MET A 107 -3.16 4.87 -4.97
N MET A 108 -4.09 4.78 -5.90
CA MET A 108 -3.88 5.40 -7.19
C MET A 108 -4.83 6.54 -7.49
N GLY A 109 -6.05 6.43 -6.98
CA GLY A 109 -7.04 7.47 -7.23
C GLY A 109 -7.31 7.63 -8.71
N LYS A 110 -7.76 8.82 -9.10
CA LYS A 110 -8.08 9.15 -10.48
C LYS A 110 -7.12 10.22 -10.97
N GLN A 111 -6.57 10.02 -12.16
CA GLN A 111 -5.62 10.96 -12.73
C GLN A 111 -6.25 12.30 -13.03
N GLU A 112 -7.45 12.52 -12.53
CA GLU A 112 -8.14 13.79 -12.80
C GLU A 112 -8.06 14.78 -11.65
N LYS A 113 -8.83 15.87 -11.79
CA LYS A 113 -8.83 16.99 -10.82
C LYS A 113 -9.19 16.60 -9.37
N ASP A 114 -8.22 16.78 -8.48
CA ASP A 114 -8.43 16.52 -7.06
C ASP A 114 -8.48 15.06 -6.61
N GLN A 115 -8.56 14.12 -7.55
CA GLN A 115 -8.74 12.67 -7.14
C GLN A 115 -7.46 11.74 -7.06
N GLN A 116 -6.23 12.25 -7.16
CA GLN A 116 -5.00 11.43 -7.04
C GLN A 116 -4.78 10.74 -5.69
N GLY A 117 -4.43 9.45 -5.74
CA GLY A 117 -4.17 8.68 -4.53
C GLY A 117 -2.78 8.87 -3.93
N ILE A 118 -2.42 8.00 -2.99
CA ILE A 118 -1.14 8.09 -2.29
C ILE A 118 0.11 7.93 -3.16
N ILE A 119 0.04 7.05 -4.15
CA ILE A 119 1.18 6.82 -5.03
C ILE A 119 1.53 8.02 -5.89
N PRO A 120 0.53 8.62 -6.56
CA PRO A 120 0.84 9.79 -7.41
C PRO A 120 1.38 10.93 -6.54
N GLN A 121 0.67 11.21 -5.46
CA GLN A 121 1.03 12.29 -4.55
C GLN A 121 2.41 12.18 -3.91
N LEU A 122 2.82 10.94 -3.63
CA LEU A 122 4.12 10.69 -3.02
C LEU A 122 5.20 10.96 -4.05
N CYS A 123 4.99 10.50 -5.28
CA CYS A 123 5.96 10.71 -6.37
C CYS A 123 6.20 12.20 -6.60
N GLU A 124 5.10 12.97 -6.64
CA GLU A 124 5.18 14.40 -6.85
C GLU A 124 5.97 15.00 -5.69
N ASP A 125 5.50 14.79 -4.47
CA ASP A 125 6.19 15.29 -3.27
C ASP A 125 7.69 14.93 -3.29
N LEU A 126 8.00 13.67 -3.58
CA LEU A 126 9.40 13.19 -3.64
C LEU A 126 10.25 14.01 -4.61
N PHE A 127 9.72 14.25 -5.80
CA PHE A 127 10.48 15.02 -6.77
C PHE A 127 10.52 16.50 -6.36
N SER A 128 9.40 17.00 -5.86
CA SER A 128 9.35 18.39 -5.43
C SER A 128 10.44 18.66 -4.41
N ARG A 129 10.53 17.79 -3.40
CA ARG A 129 11.55 17.97 -2.36
C ARG A 129 12.96 17.88 -2.93
N ILE A 130 13.20 16.91 -3.81
CA ILE A 130 14.53 16.78 -4.38
C ILE A 130 14.89 18.06 -5.13
N ASN A 131 13.95 18.55 -5.94
CA ASN A 131 14.23 19.75 -6.70
C ASN A 131 14.43 21.02 -5.86
N ASP A 132 14.04 20.98 -4.57
CA ASP A 132 14.21 22.13 -3.70
C ASP A 132 15.51 22.07 -2.89
N THR A 133 16.33 21.06 -3.18
CA THR A 133 17.61 20.87 -2.51
C THR A 133 18.54 22.05 -2.87
N THR A 134 19.25 22.55 -1.86
CA THR A 134 20.15 23.65 -2.11
C THR A 134 21.58 23.30 -1.77
N ASN A 135 21.80 22.09 -1.29
CA ASN A 135 23.14 21.63 -0.94
C ASN A 135 23.72 20.93 -2.17
N ASP A 136 24.67 21.58 -2.83
CA ASP A 136 25.29 21.02 -4.02
C ASP A 136 26.10 19.75 -3.76
N ASN A 137 26.27 19.41 -2.49
CA ASN A 137 27.01 18.20 -2.14
C ASN A 137 26.06 17.01 -2.15
N MET A 138 24.78 17.29 -2.40
CA MET A 138 23.76 16.24 -2.43
C MET A 138 23.23 15.99 -3.85
N SER A 139 23.26 14.74 -4.27
CA SER A 139 22.74 14.39 -5.58
C SER A 139 21.79 13.21 -5.38
N TYR A 140 20.84 13.05 -6.29
CA TYR A 140 19.84 12.00 -6.13
C TYR A 140 19.62 11.14 -7.36
N SER A 141 19.02 9.96 -7.11
CA SER A 141 18.69 9.01 -8.16
C SER A 141 17.38 8.29 -7.81
N VAL A 142 16.43 8.29 -8.74
CA VAL A 142 15.14 7.64 -8.51
C VAL A 142 14.94 6.60 -9.60
N GLU A 143 14.74 5.35 -9.19
CA GLU A 143 14.53 4.24 -10.10
C GLU A 143 13.17 3.68 -9.75
N VAL A 144 12.41 3.30 -10.77
CA VAL A 144 11.09 2.76 -10.52
C VAL A 144 10.87 1.42 -11.17
N SER A 145 9.97 0.64 -10.55
CA SER A 145 9.57 -0.68 -10.99
C SER A 145 8.11 -0.82 -10.59
N TYR A 146 7.34 -1.47 -11.47
CA TYR A 146 5.92 -1.66 -11.25
C TYR A 146 5.57 -3.07 -11.72
N MET A 147 4.99 -3.87 -10.83
CA MET A 147 4.65 -5.23 -11.23
C MET A 147 3.21 -5.60 -10.83
N GLU A 148 2.79 -6.75 -11.35
CA GLU A 148 1.47 -7.28 -11.09
C GLU A 148 1.60 -8.73 -10.70
N ILE A 149 0.83 -9.12 -9.69
CA ILE A 149 0.89 -10.49 -9.21
C ILE A 149 -0.53 -10.99 -9.36
N TYR A 150 -0.66 -12.14 -10.03
CA TYR A 150 -1.96 -12.74 -10.32
C TYR A 150 -1.79 -14.26 -10.45
N CYS A 151 -2.32 -14.99 -9.47
CA CYS A 151 -2.21 -16.44 -9.45
C CYS A 151 -0.76 -16.82 -9.28
N GLU A 152 -0.06 -16.08 -8.42
CA GLU A 152 1.36 -16.32 -8.15
C GLU A 152 2.24 -16.12 -9.37
N ARG A 153 1.75 -15.34 -10.34
CA ARG A 153 2.50 -15.05 -11.56
C ARG A 153 2.82 -13.55 -11.58
N VAL A 154 4.09 -13.22 -11.81
CA VAL A 154 4.56 -11.84 -11.84
C VAL A 154 4.67 -11.25 -13.25
N ARG A 155 4.08 -10.07 -13.43
CA ARG A 155 4.14 -9.39 -14.71
C ARG A 155 4.75 -8.00 -14.57
N ASP A 156 5.69 -7.70 -15.45
CA ASP A 156 6.37 -6.42 -15.43
C ASP A 156 5.44 -5.41 -16.08
N LEU A 157 4.77 -4.60 -15.26
CA LEU A 157 3.86 -3.57 -15.77
C LEU A 157 4.59 -2.46 -16.55
N LEU A 158 5.91 -2.41 -16.48
CA LEU A 158 6.62 -1.37 -17.20
C LEU A 158 7.18 -1.93 -18.49
N ASN A 159 6.80 -3.16 -18.81
CA ASN A 159 7.26 -3.77 -20.04
C ASN A 159 6.30 -4.80 -20.61
N PRO A 160 5.12 -4.35 -21.07
CA PRO A 160 4.05 -5.15 -21.66
C PRO A 160 4.57 -6.04 -22.78
N LYS A 161 5.39 -5.47 -23.66
CA LYS A 161 5.99 -6.20 -24.77
C LYS A 161 6.40 -7.62 -24.36
N ASN A 162 6.75 -7.78 -23.08
CA ASN A 162 7.17 -9.06 -22.52
C ASN A 162 5.93 -9.83 -22.03
N LYS A 163 5.67 -10.99 -22.64
CA LYS A 163 4.51 -11.80 -22.25
C LYS A 163 4.85 -12.96 -21.32
N GLY A 164 6.11 -13.01 -20.88
CA GLY A 164 6.51 -14.08 -19.99
C GLY A 164 6.51 -13.62 -18.54
N ASN A 165 5.88 -14.39 -17.67
CA ASN A 165 5.84 -14.05 -16.26
C ASN A 165 7.22 -14.23 -15.64
N LEU A 166 7.65 -13.23 -14.87
CA LEU A 166 8.97 -13.20 -14.25
C LEU A 166 9.12 -14.12 -13.05
N ARG A 167 10.34 -14.62 -12.84
CA ARG A 167 10.62 -15.53 -11.76
C ARG A 167 11.03 -14.84 -10.48
N VAL A 168 10.39 -15.22 -9.39
CA VAL A 168 10.73 -14.66 -8.09
C VAL A 168 11.85 -15.54 -7.58
N ARG A 169 12.93 -14.92 -7.12
CA ARG A 169 14.06 -15.68 -6.63
C ARG A 169 14.48 -15.14 -5.29
N GLU A 170 15.46 -15.82 -4.69
CA GLU A 170 16.01 -15.44 -3.40
C GLU A 170 17.51 -15.23 -3.63
N HIS A 171 17.97 -13.98 -3.52
CA HIS A 171 19.38 -13.73 -3.72
C HIS A 171 20.07 -14.32 -2.50
N PRO A 172 21.07 -15.18 -2.73
CA PRO A 172 21.80 -15.83 -1.63
C PRO A 172 22.21 -14.93 -0.45
N LEU A 173 22.31 -13.62 -0.68
CA LEU A 173 22.70 -12.69 0.37
C LEU A 173 21.84 -11.44 0.48
N LEU A 174 21.20 -11.05 -0.61
CA LEU A 174 20.42 -9.83 -0.60
C LEU A 174 18.90 -9.93 -0.49
N GLY A 175 18.37 -11.14 -0.37
CA GLY A 175 16.93 -11.30 -0.24
C GLY A 175 16.13 -11.52 -1.53
N PRO A 176 14.81 -11.65 -1.44
CA PRO A 176 14.01 -11.86 -2.64
C PRO A 176 14.10 -10.74 -3.67
N TYR A 177 13.75 -11.07 -4.91
CA TYR A 177 13.76 -10.11 -6.01
C TYR A 177 13.19 -10.78 -7.26
N VAL A 178 12.54 -9.98 -8.09
CA VAL A 178 11.98 -10.49 -9.32
C VAL A 178 13.02 -10.37 -10.42
N GLU A 179 13.28 -11.49 -11.06
CA GLU A 179 14.27 -11.59 -12.12
C GLU A 179 13.88 -10.89 -13.41
N ASP A 180 14.78 -10.03 -13.88
CA ASP A 180 14.60 -9.25 -15.11
C ASP A 180 13.49 -8.22 -15.03
N LEU A 181 13.07 -7.90 -13.81
CA LEU A 181 12.05 -6.89 -13.60
C LEU A 181 12.67 -5.55 -13.99
N SER A 182 11.99 -4.82 -14.86
CA SER A 182 12.50 -3.53 -15.29
C SER A 182 12.62 -2.60 -14.09
N LYS A 183 13.71 -1.87 -14.04
CA LYS A 183 13.97 -0.90 -12.98
C LYS A 183 14.47 0.33 -13.70
N LEU A 184 13.56 1.26 -13.96
CA LEU A 184 13.88 2.47 -14.70
C LEU A 184 14.20 3.69 -13.89
N ALA A 185 15.18 4.44 -14.40
CA ALA A 185 15.64 5.67 -13.79
C ALA A 185 14.80 6.83 -14.35
N VAL A 186 14.33 7.69 -13.45
CA VAL A 186 13.52 8.85 -13.83
C VAL A 186 14.02 10.09 -13.13
N THR A 187 14.11 11.20 -13.87
CA THR A 187 14.60 12.45 -13.32
C THR A 187 13.50 13.51 -13.15
N SER A 188 12.24 13.12 -13.22
CA SER A 188 11.18 14.10 -13.06
C SER A 188 9.84 13.47 -12.78
N TYR A 189 9.01 14.18 -12.02
CA TYR A 189 7.67 13.70 -11.68
C TYR A 189 6.93 13.23 -12.93
N ASN A 190 6.89 14.09 -13.95
CA ASN A 190 6.19 13.78 -15.20
C ASN A 190 6.62 12.43 -15.78
N ASP A 191 7.91 12.18 -15.79
CA ASP A 191 8.35 10.93 -16.35
C ASP A 191 7.77 9.77 -15.55
N ILE A 192 7.99 9.78 -14.24
CA ILE A 192 7.49 8.70 -13.39
C ILE A 192 5.97 8.61 -13.39
N GLN A 193 5.30 9.67 -13.83
CA GLN A 193 3.84 9.70 -13.88
C GLN A 193 3.38 9.04 -15.19
N ASP A 194 4.12 9.32 -16.28
CA ASP A 194 3.82 8.74 -17.58
C ASP A 194 4.04 7.25 -17.50
N LEU A 195 5.02 6.83 -16.65
CA LEU A 195 5.36 5.41 -16.43
C LEU A 195 4.26 4.79 -15.56
N MET A 196 3.68 5.61 -14.66
CA MET A 196 2.61 5.13 -13.79
C MET A 196 1.36 4.89 -14.61
N ASP A 197 0.97 5.87 -15.44
CA ASP A 197 -0.22 5.73 -16.28
C ASP A 197 -0.07 4.49 -17.20
N SER A 198 1.10 4.38 -17.82
CA SER A 198 1.40 3.28 -18.73
C SER A 198 1.19 1.96 -18.02
N GLY A 199 1.62 1.91 -16.76
CA GLY A 199 1.47 0.70 -15.98
C GLY A 199 0.02 0.42 -15.61
N ASN A 200 -0.72 1.45 -15.24
CA ASN A 200 -2.12 1.26 -14.86
C ASN A 200 -2.95 0.77 -16.04
N LYS A 201 -2.53 1.11 -17.26
CA LYS A 201 -3.28 0.66 -18.44
C LYS A 201 -2.96 -0.79 -18.80
N PRO A 202 -1.73 -1.20 -18.51
CA PRO A 202 -1.29 -2.56 -18.82
C PRO A 202 -1.93 -3.57 -17.88
N ARG A 203 -2.30 -3.12 -16.69
CA ARG A 203 -2.88 -3.99 -15.68
C ARG A 203 -4.06 -4.81 -16.14
N THR A 204 -4.08 -6.08 -15.74
CA THR A 204 -5.18 -6.87 -16.29
C THR A 204 -6.37 -7.02 -15.32
N VAL A 205 -7.28 -6.09 -15.55
CA VAL A 205 -8.54 -6.28 -15.04
C VAL A 205 -9.22 -6.08 -16.29
N ALA A 206 -9.79 -7.17 -16.75
CA ALA A 206 -10.50 -7.21 -18.01
C ALA A 206 -11.94 -7.43 -17.53
N ALA A 207 -12.53 -8.56 -17.88
CA ALA A 207 -13.91 -8.83 -17.48
C ALA A 207 -14.21 -10.33 -17.36
N THR A 208 -13.18 -11.16 -17.46
CA THR A 208 -13.39 -12.60 -17.41
C THR A 208 -13.29 -13.14 -15.97
N THR A 213 -14.97 -8.98 -14.26
CA THR A 213 -15.29 -9.06 -12.85
C THR A 213 -14.35 -8.19 -12.00
N SER A 214 -14.12 -8.58 -10.75
CA SER A 214 -13.25 -7.80 -9.86
C SER A 214 -11.80 -8.28 -9.72
N SER A 215 -10.90 -7.32 -9.49
CA SER A 215 -9.45 -7.54 -9.38
C SER A 215 -8.96 -8.72 -8.58
N ARG A 216 -8.20 -9.59 -9.23
CA ARG A 216 -7.67 -10.77 -8.56
C ARG A 216 -6.17 -10.66 -8.44
N SER A 217 -5.62 -9.56 -8.96
CA SER A 217 -4.19 -9.34 -8.92
C SER A 217 -3.80 -8.20 -7.97
N HIS A 218 -2.54 -8.27 -7.52
CA HIS A 218 -1.93 -7.29 -6.64
C HIS A 218 -0.93 -6.45 -7.43
N ALA A 219 -0.88 -5.15 -7.19
CA ALA A 219 0.11 -4.29 -7.87
C ALA A 219 1.12 -3.80 -6.85
N VAL A 220 2.39 -3.78 -7.22
CA VAL A 220 3.44 -3.31 -6.33
C VAL A 220 4.29 -2.25 -7.06
N PHE A 221 4.24 -1.03 -6.52
CA PHE A 221 4.98 0.11 -7.07
C PHE A 221 6.23 0.38 -6.23
N ASN A 222 7.39 0.10 -6.80
CA ASN A 222 8.67 0.27 -6.10
C ASN A 222 9.53 1.44 -6.58
N ILE A 223 10.00 2.24 -5.63
CA ILE A 223 10.86 3.36 -5.92
C ILE A 223 12.15 3.17 -5.13
N ILE A 224 13.27 3.12 -5.82
CA ILE A 224 14.53 2.99 -5.13
C ILE A 224 15.05 4.42 -5.09
N PHE A 225 14.94 5.07 -3.94
CA PHE A 225 15.39 6.44 -3.75
C PHE A 225 16.78 6.42 -3.13
N THR A 226 17.75 6.94 -3.88
CA THR A 226 19.16 6.99 -3.47
C THR A 226 19.64 8.42 -3.21
N GLN A 227 20.23 8.63 -2.04
CA GLN A 227 20.76 9.94 -1.67
C GLN A 227 22.28 9.84 -1.57
N LYS A 228 22.95 10.59 -2.43
CA LYS A 228 24.41 10.62 -2.48
C LYS A 228 24.92 11.89 -1.80
N ARG A 229 25.75 11.76 -0.77
CA ARG A 229 26.30 12.95 -0.13
C ARG A 229 27.79 13.03 -0.46
N HIS A 230 28.19 14.14 -1.08
CA HIS A 230 29.58 14.35 -1.45
C HIS A 230 30.38 15.11 -0.38
N ASP A 231 31.46 14.49 0.07
CA ASP A 231 32.34 15.07 1.07
C ASP A 231 33.49 15.76 0.37
N ALA A 232 33.67 17.05 0.67
CA ALA A 232 34.74 17.85 0.07
C ALA A 232 36.01 17.88 0.93
N GLU A 233 36.99 17.11 0.45
CA GLU A 233 38.31 16.96 1.06
C GLU A 233 38.87 15.63 0.56
N THR A 234 38.06 14.59 0.71
CA THR A 234 38.37 13.32 0.17
C THR A 234 37.26 13.02 -0.75
N ASN A 235 37.50 12.27 -1.82
CA ASN A 235 36.43 12.08 -2.80
C ASN A 235 35.60 10.80 -2.73
N ILE A 236 35.14 10.46 -1.54
CA ILE A 236 34.27 9.28 -1.40
C ILE A 236 32.85 9.81 -1.35
N THR A 237 31.91 9.03 -1.85
CA THR A 237 30.52 9.44 -1.84
C THR A 237 29.69 8.41 -1.11
N THR A 238 29.29 8.74 0.12
CA THR A 238 28.44 7.86 0.92
C THR A 238 27.06 7.82 0.30
N GLU A 239 26.50 6.62 0.14
CA GLU A 239 25.17 6.49 -0.42
C GLU A 239 24.19 6.17 0.70
N LYS A 240 22.97 6.69 0.55
CA LYS A 240 21.91 6.47 1.51
C LYS A 240 20.77 5.98 0.63
N VAL A 241 20.42 4.71 0.80
CA VAL A 241 19.36 4.09 -0.01
C VAL A 241 18.14 3.68 0.79
N SER A 242 16.96 3.85 0.18
CA SER A 242 15.71 3.48 0.83
C SER A 242 14.71 3.04 -0.22
N LYS A 243 14.16 1.84 -0.03
CA LYS A 243 13.19 1.30 -0.97
C LYS A 243 11.77 1.63 -0.55
N ILE A 244 11.01 2.20 -1.48
CA ILE A 244 9.62 2.56 -1.22
C ILE A 244 8.68 1.58 -1.91
N SER A 245 8.00 0.76 -1.12
CA SER A 245 7.06 -0.20 -1.68
C SER A 245 5.62 0.20 -1.39
N LEU A 246 4.90 0.56 -2.45
CA LEU A 246 3.48 0.97 -2.37
C LEU A 246 2.67 -0.18 -2.96
N VAL A 247 1.87 -0.83 -2.11
CA VAL A 247 1.11 -2.00 -2.51
C VAL A 247 -0.40 -1.82 -2.52
N ASP A 248 -1.02 -2.32 -3.57
CA ASP A 248 -2.45 -2.27 -3.76
C ASP A 248 -2.84 -3.71 -4.05
N LEU A 249 -3.34 -4.39 -3.04
CA LEU A 249 -3.73 -5.80 -3.12
C LEU A 249 -5.10 -6.03 -3.70
N ALA A 250 -5.40 -7.31 -3.95
CA ALA A 250 -6.70 -7.68 -4.51
C ALA A 250 -7.65 -7.81 -3.36
N GLY A 251 -8.93 -7.60 -3.62
CA GLY A 251 -9.83 -7.54 -2.48
C GLY A 251 -10.08 -8.93 -1.87
N SER A 252 -9.99 -8.99 -0.53
CA SER A 252 -10.20 -10.27 0.15
C SER A 252 -11.61 -10.81 -0.10
N GLU A 253 -12.50 -9.88 -0.56
CA GLU A 253 -13.52 -9.99 -1.58
C GLU A 253 -14.76 -10.75 -1.06
N ARG A 254 -15.94 -10.21 -1.43
CA ARG A 254 -17.18 -10.84 -0.98
C ARG A 254 -18.36 -9.87 -1.04
N GLY A 268 -7.80 -26.41 -6.46
CA GLY A 268 -6.83 -25.64 -5.71
C GLY A 268 -6.78 -24.17 -6.12
N ALA A 269 -7.01 -23.28 -5.16
CA ALA A 269 -6.99 -21.85 -5.45
C ALA A 269 -5.60 -21.21 -5.33
N ASN A 270 -5.01 -20.89 -6.47
CA ASN A 270 -3.70 -20.26 -6.53
C ASN A 270 -3.95 -18.78 -6.81
N ILE A 271 -5.20 -18.47 -7.12
CA ILE A 271 -5.62 -17.11 -7.40
C ILE A 271 -5.77 -16.34 -6.09
N ASN A 272 -5.78 -17.06 -4.98
CA ASN A 272 -5.94 -16.38 -3.70
C ASN A 272 -4.92 -16.76 -2.64
N LYS A 273 -3.92 -17.55 -3.03
CA LYS A 273 -2.86 -18.01 -2.10
C LYS A 273 -2.21 -16.83 -1.35
N SER A 274 -1.67 -15.88 -2.11
CA SER A 274 -1.02 -14.71 -1.55
C SER A 274 -1.86 -13.99 -0.49
N LEU A 275 -3.12 -13.78 -0.80
CA LEU A 275 -3.99 -13.11 0.15
C LEU A 275 -4.17 -13.97 1.41
N THR A 276 -4.52 -15.24 1.24
CA THR A 276 -4.73 -16.11 2.40
C THR A 276 -3.47 -16.16 3.24
N THR A 277 -2.34 -16.34 2.58
CA THR A 277 -1.08 -16.41 3.28
C THR A 277 -0.83 -15.07 3.98
N LEU A 278 -1.03 -13.96 3.27
CA LEU A 278 -0.81 -12.65 3.87
C LEU A 278 -1.48 -12.56 5.23
N GLY A 279 -2.67 -13.14 5.34
CA GLY A 279 -3.38 -13.13 6.61
C GLY A 279 -2.68 -13.97 7.67
N LYS A 280 -2.10 -15.09 7.26
CA LYS A 280 -1.41 -15.96 8.19
C LYS A 280 -0.15 -15.29 8.71
N VAL A 281 0.66 -14.78 7.80
CA VAL A 281 1.87 -14.07 8.18
C VAL A 281 1.48 -12.98 9.17
N ILE A 282 0.55 -12.12 8.76
CA ILE A 282 0.10 -11.02 9.63
C ILE A 282 -0.24 -11.50 11.04
N SER A 283 -1.02 -12.57 11.13
CA SER A 283 -1.42 -13.11 12.43
C SER A 283 -0.25 -13.74 13.19
N ALA A 284 0.57 -14.53 12.51
CA ALA A 284 1.70 -15.16 13.17
C ALA A 284 2.70 -14.12 13.68
N LEU A 285 2.83 -13.01 12.94
CA LEU A 285 3.74 -11.94 13.37
C LEU A 285 3.15 -11.27 14.61
N ALA A 286 1.83 -11.06 14.59
CA ALA A 286 1.10 -10.44 15.69
C ALA A 286 1.15 -11.31 16.94
N GLU A 287 1.29 -12.61 16.73
CA GLU A 287 1.37 -13.57 17.83
C GLU A 287 2.76 -13.50 18.45
N MET A 288 3.79 -13.31 17.63
CA MET A 288 5.16 -13.24 18.13
C MET A 288 5.28 -12.26 19.30
N ASP A 302 7.29 -20.07 16.19
CA ASP A 302 8.47 -19.96 15.32
C ASP A 302 8.14 -20.32 13.87
N PHE A 303 8.84 -19.63 12.94
CA PHE A 303 8.62 -19.91 11.53
C PHE A 303 7.37 -19.32 10.89
N ILE A 304 7.58 -18.75 9.68
CA ILE A 304 6.48 -18.08 9.01
C ILE A 304 6.40 -18.47 7.52
N PRO A 305 5.21 -18.80 7.00
CA PRO A 305 5.15 -19.19 5.59
C PRO A 305 5.39 -18.12 4.53
N TYR A 306 6.28 -17.17 4.80
CA TYR A 306 6.57 -16.11 3.82
C TYR A 306 6.64 -16.70 2.42
N ARG A 307 7.31 -17.85 2.32
CA ARG A 307 7.52 -18.55 1.06
C ARG A 307 6.27 -19.27 0.52
N ASP A 308 5.16 -19.23 1.25
CA ASP A 308 3.96 -19.91 0.79
C ASP A 308 3.30 -19.17 -0.37
N SER A 309 3.74 -17.94 -0.60
CA SER A 309 3.21 -17.11 -1.68
C SER A 309 4.16 -16.03 -2.17
N VAL A 310 4.08 -15.69 -3.45
CA VAL A 310 4.92 -14.66 -4.03
C VAL A 310 4.79 -13.33 -3.30
N LEU A 311 3.55 -12.93 -3.00
CA LEU A 311 3.28 -11.68 -2.32
C LEU A 311 3.98 -11.54 -0.99
N THR A 312 3.89 -12.57 -0.16
CA THR A 312 4.51 -12.52 1.15
C THR A 312 6.04 -12.73 1.09
N TRP A 313 6.49 -13.48 0.10
CA TRP A 313 7.92 -13.73 -0.07
C TRP A 313 8.63 -12.40 -0.40
N LEU A 314 8.12 -11.70 -1.41
CA LEU A 314 8.72 -10.42 -1.81
C LEU A 314 8.69 -9.34 -0.74
N LEU A 315 7.55 -9.22 -0.06
CA LEU A 315 7.40 -8.20 0.95
C LEU A 315 7.83 -8.70 2.32
N ARG A 316 8.52 -9.82 2.35
CA ARG A 316 8.98 -10.37 3.62
C ARG A 316 9.61 -9.30 4.51
N GLU A 317 10.61 -8.59 4.00
CA GLU A 317 11.26 -7.59 4.82
C GLU A 317 10.37 -6.42 5.21
N ASN A 318 9.29 -6.18 4.46
CA ASN A 318 8.42 -5.07 4.82
C ASN A 318 7.49 -5.48 5.94
N LEU A 319 7.20 -6.77 6.02
CA LEU A 319 6.27 -7.33 7.00
C LEU A 319 6.90 -7.47 8.39
N GLY A 320 7.98 -8.23 8.43
CA GLY A 320 8.67 -8.48 9.68
C GLY A 320 10.11 -8.06 9.65
N GLY A 321 10.53 -7.36 8.58
CA GLY A 321 11.93 -6.94 8.44
C GLY A 321 12.28 -5.49 8.72
N ASN A 322 13.41 -5.05 8.18
CA ASN A 322 13.88 -3.68 8.37
C ASN A 322 13.11 -2.76 7.45
N SER A 323 11.93 -2.36 7.89
CA SER A 323 11.09 -1.48 7.10
C SER A 323 10.07 -0.76 7.97
N ARG A 324 9.73 0.46 7.56
CA ARG A 324 8.74 1.24 8.28
C ARG A 324 7.49 0.92 7.49
N THR A 325 6.62 0.10 8.06
CA THR A 325 5.43 -0.30 7.33
C THR A 325 4.11 0.20 7.88
N ALA A 326 3.20 0.50 6.95
CA ALA A 326 1.88 0.99 7.31
C ALA A 326 0.83 0.32 6.43
N MET A 327 -0.30 0.01 7.05
CA MET A 327 -1.38 -0.62 6.34
C MET A 327 -2.51 0.39 6.26
N VAL A 328 -3.26 0.34 5.16
CA VAL A 328 -4.41 1.21 4.98
C VAL A 328 -5.53 0.23 4.67
N ALA A 329 -6.45 0.11 5.61
CA ALA A 329 -7.58 -0.81 5.48
C ALA A 329 -8.86 -0.14 4.96
N ALA A 330 -9.24 -0.48 3.73
CA ALA A 330 -10.44 0.08 3.10
C ALA A 330 -11.68 -0.66 3.64
N LEU A 331 -12.76 0.07 3.80
CA LEU A 331 -13.96 -0.52 4.35
C LEU A 331 -15.24 -0.01 3.69
N SER A 332 -16.18 -0.91 3.45
CA SER A 332 -17.47 -0.56 2.90
C SER A 332 -18.26 0.01 4.07
N PRO A 333 -19.17 0.95 3.81
CA PRO A 333 -19.93 1.48 4.93
C PRO A 333 -21.23 0.71 5.14
N ALA A 334 -21.53 -0.16 4.18
CA ALA A 334 -22.81 -0.90 4.08
C ALA A 334 -23.01 -2.09 5.09
N ASP A 335 -24.27 -2.22 5.47
CA ASP A 335 -24.70 -3.29 6.36
C ASP A 335 -24.52 -4.65 5.66
N ILE A 336 -24.82 -4.70 4.36
CA ILE A 336 -24.70 -5.95 3.63
C ILE A 336 -23.29 -6.56 3.60
N ASN A 337 -22.29 -5.78 4.02
CA ASN A 337 -20.90 -6.25 4.03
C ASN A 337 -20.31 -6.38 5.44
N TYR A 338 -21.17 -6.53 6.44
CA TYR A 338 -20.77 -6.66 7.82
C TYR A 338 -19.67 -7.68 8.11
N ASP A 339 -19.82 -8.90 7.61
CA ASP A 339 -18.83 -9.92 7.88
C ASP A 339 -17.50 -9.56 7.29
N GLU A 340 -17.52 -9.15 6.03
CA GLU A 340 -16.31 -8.78 5.31
C GLU A 340 -15.56 -7.67 6.02
N THR A 341 -16.30 -6.61 6.36
CA THR A 341 -15.74 -5.43 7.03
C THR A 341 -15.25 -5.73 8.45
N LEU A 342 -15.99 -6.53 9.19
CA LEU A 342 -15.54 -6.88 10.54
C LEU A 342 -14.24 -7.65 10.38
N SER A 343 -14.19 -8.53 9.36
CA SER A 343 -13.00 -9.33 9.06
C SER A 343 -11.80 -8.41 8.85
N THR A 344 -12.00 -7.36 8.04
CA THR A 344 -10.96 -6.37 7.74
C THR A 344 -10.48 -5.70 9.01
N LEU A 345 -11.41 -5.21 9.81
CA LEU A 345 -11.09 -4.55 11.07
C LEU A 345 -10.25 -5.42 12.01
N ARG A 346 -10.50 -6.72 11.97
CA ARG A 346 -9.76 -7.64 12.82
C ARG A 346 -8.34 -7.87 12.31
N TYR A 347 -8.16 -7.88 11.00
CA TYR A 347 -6.81 -8.06 10.46
C TYR A 347 -6.07 -6.75 10.61
N ALA A 348 -6.79 -5.65 10.49
CA ALA A 348 -6.21 -4.32 10.65
C ALA A 348 -5.74 -4.18 12.10
N ASP A 349 -6.53 -4.72 13.03
CA ASP A 349 -6.21 -4.69 14.47
C ASP A 349 -4.94 -5.49 14.78
N ARG A 350 -4.80 -6.67 14.16
CA ARG A 350 -3.64 -7.55 14.36
C ARG A 350 -2.32 -6.94 13.87
N ALA A 351 -2.40 -6.23 12.75
CA ALA A 351 -1.26 -5.60 12.13
C ALA A 351 -0.59 -4.64 13.09
N LYS A 352 -1.43 -3.88 13.79
CA LYS A 352 -1.00 -2.88 14.79
C LYS A 352 -0.05 -3.48 15.81
N GLN A 353 -0.25 -4.76 16.11
CA GLN A 353 0.55 -5.51 17.09
C GLN A 353 1.91 -5.91 16.51
N ILE A 354 2.09 -5.69 15.21
CA ILE A 354 3.34 -6.04 14.54
C ILE A 354 4.46 -5.05 14.81
N ARG A 355 5.62 -5.58 15.16
CA ARG A 355 6.78 -4.75 15.47
C ARG A 355 7.99 -5.15 14.65
N ASN A 356 8.61 -4.19 13.99
CA ASN A 356 9.79 -4.48 13.19
C ASN A 356 11.02 -3.68 13.61
N THR A 357 12.16 -4.38 13.62
CA THR A 357 13.44 -3.79 14.00
C THR A 357 13.91 -3.00 12.78
N VAL A 358 14.04 -1.70 12.94
CA VAL A 358 14.45 -0.85 11.83
C VAL A 358 15.74 -0.09 12.03
N SER A 359 16.50 0.03 10.95
CA SER A 359 17.76 0.75 10.99
C SER A 359 17.96 1.48 9.67
N VAL A 360 18.41 2.74 9.75
CA VAL A 360 18.64 3.54 8.56
C VAL A 360 19.76 2.92 7.74
N ASN A 361 19.61 2.99 6.42
CA ASN A 361 20.58 2.43 5.49
C ASN A 361 21.56 3.51 4.97
N HIS A 362 22.75 3.53 5.54
CA HIS A 362 23.79 4.51 5.15
C HIS A 362 25.16 3.88 5.00
#